data_7QU0
#
_entry.id   7QU0
#
_cell.length_a   98.840
_cell.length_b   98.840
_cell.length_c   88.750
_cell.angle_alpha   90.000
_cell.angle_beta   90.000
_cell.angle_gamma   90.000
#
_symmetry.space_group_name_H-M   'P 41 21 2'
#
loop_
_entity.id
_entity.type
_entity.pdbx_description
1 polymer 'Na(+)-translocating NADH-quinone reductase subunit F'
2 non-polymer 'FLAVIN-ADENINE DINUCLEOTIDE'
3 non-polymer ~{N}-[2,6-bis(fluoranyl)phenyl]ethanamide
4 non-polymer 'DIMETHYL SULFOXIDE'
5 water water
#
_entity_poly.entity_id   1
_entity_poly.type   'polypeptide(L)'
_entity_poly.pdbx_seq_one_letter_code
;GPVKKWECEVISNDNKATFIKELKLRIPEGEVVPFRAGGYIQIECPPHKVAYADFDVPDEYRSDWDKFNLFRYVSEVKEP
TLRAYSMANYPEEKGIIMLNVRIATPPPKIPDAPPGIMSSYIWSLKPGDKVTISGPFGEFFAKETDAEMVFIGGGAGMAP
MRSHIFDQLKRLHSTRKISFWYGARSLREMFYDEEFEQLARDNPNFTFHVALSDPLPEDNWTGHTGFIHNVLYENYLRDH
PAPEDCEFYMCGPPVMNAAVIKMLKDLGVEDENILLDDFGG
;
_entity_poly.pdbx_strand_id   A
#
loop_
_chem_comp.id
_chem_comp.type
_chem_comp.name
_chem_comp.formula
DMS non-polymer 'DIMETHYL SULFOXIDE' 'C2 H6 O S'
F2L non-polymer ~{N}-[2,6-bis(fluoranyl)phenyl]ethanamide 'C8 H7 F2 N O'
FAD non-polymer 'FLAVIN-ADENINE DINUCLEOTIDE' 'C27 H33 N9 O15 P2'
#
# COMPACT_ATOMS: atom_id res chain seq x y z
N GLY A 1 6.63 -29.84 -0.09
CA GLY A 1 7.61 -28.82 -0.31
C GLY A 1 7.36 -27.65 0.63
N PRO A 2 8.02 -27.66 1.79
CA PRO A 2 7.75 -26.63 2.80
C PRO A 2 8.00 -25.24 2.27
N VAL A 3 7.26 -24.29 2.80
CA VAL A 3 7.47 -22.90 2.41
C VAL A 3 8.81 -22.40 2.96
N LYS A 4 9.50 -21.58 2.17
CA LYS A 4 10.75 -20.98 2.60
C LYS A 4 10.53 -19.83 3.59
N LYS A 5 11.46 -19.69 4.53
CA LYS A 5 11.43 -18.64 5.55
C LYS A 5 12.77 -17.92 5.58
N TRP A 6 12.71 -16.66 6.02
CA TRP A 6 13.90 -15.85 6.20
C TRP A 6 13.76 -15.09 7.50
N GLU A 7 14.80 -15.08 8.31
CA GLU A 7 14.78 -14.25 9.50
C GLU A 7 15.43 -12.94 9.13
N CYS A 8 14.65 -11.85 9.14
CA CYS A 8 15.09 -10.54 8.68
C CYS A 8 15.26 -9.61 9.87
N GLU A 9 16.04 -8.57 9.67
CA GLU A 9 16.28 -7.56 10.69
C GLU A 9 15.58 -6.27 10.27
N VAL A 10 14.94 -5.59 11.23
CA VAL A 10 14.25 -4.32 10.94
C VAL A 10 15.29 -3.23 10.67
N ILE A 11 15.22 -2.63 9.49
CA ILE A 11 16.04 -1.45 9.19
C ILE A 11 15.37 -0.20 9.74
N SER A 12 14.11 -0.04 9.40
CA SER A 12 13.39 1.18 9.79
C SER A 12 11.90 0.84 9.79
N ASN A 13 11.13 1.66 10.47
CA ASN A 13 9.69 1.40 10.66
C ASN A 13 9.00 2.76 10.78
N ASP A 14 9.07 3.56 9.74
CA ASP A 14 8.68 4.98 9.79
C ASP A 14 7.25 5.18 9.36
N ASN A 15 6.53 6.06 10.05
CA ASN A 15 5.21 6.42 9.50
C ASN A 15 5.39 7.09 8.16
N LYS A 16 4.51 6.71 7.19
CA LYS A 16 4.38 7.41 5.95
C LYS A 16 3.09 8.21 5.85
N ALA A 17 2.19 7.98 6.80
CA ALA A 17 0.89 8.64 6.87
C ALA A 17 0.43 8.50 8.32
N THR A 18 -0.73 9.08 8.66
CA THR A 18 -1.14 9.02 10.05
C THR A 18 -1.23 7.59 10.52
N PHE A 19 -1.77 6.70 9.66
CA PHE A 19 -2.07 5.33 10.09
C PHE A 19 -1.38 4.28 9.24
N ILE A 20 -0.27 4.62 8.57
CA ILE A 20 0.48 3.63 7.77
C ILE A 20 1.96 3.76 8.11
N LYS A 21 2.63 2.62 8.39
CA LYS A 21 4.08 2.59 8.58
C LYS A 21 4.70 1.88 7.38
N GLU A 22 5.91 2.31 7.01
CA GLU A 22 6.76 1.57 6.06
C GLU A 22 7.71 0.72 6.90
N LEU A 23 7.47 -0.59 6.89
CA LEU A 23 8.38 -1.52 7.60
C LEU A 23 9.41 -1.97 6.58
N LYS A 24 10.68 -1.65 6.82
CA LYS A 24 11.73 -2.02 5.89
C LYS A 24 12.61 -3.07 6.55
N LEU A 25 12.67 -4.28 5.94
CA LEU A 25 13.40 -5.41 6.49
C LEU A 25 14.63 -5.68 5.65
N ARG A 26 15.74 -6.01 6.32
CA ARG A 26 16.96 -6.46 5.66
C ARG A 26 16.88 -7.98 5.47
N ILE A 27 16.96 -8.43 4.21
CA ILE A 27 17.07 -9.86 3.92
C ILE A 27 18.45 -10.34 4.36
N PRO A 28 18.61 -11.57 4.84
CA PRO A 28 19.96 -12.03 5.17
C PRO A 28 20.88 -11.87 3.96
N GLU A 29 22.13 -11.50 4.22
CA GLU A 29 23.06 -11.17 3.14
C GLU A 29 23.30 -12.39 2.27
N GLY A 30 23.40 -12.14 0.98
CA GLY A 30 23.58 -13.25 0.06
C GLY A 30 22.31 -14.04 -0.21
N GLU A 31 21.17 -13.68 0.37
CA GLU A 31 19.94 -14.41 0.07
C GLU A 31 19.08 -13.56 -0.83
N VAL A 32 18.09 -14.21 -1.47
CA VAL A 32 17.13 -13.57 -2.35
C VAL A 32 15.76 -14.08 -1.96
N VAL A 33 14.77 -13.19 -1.90
CA VAL A 33 13.36 -13.57 -1.83
C VAL A 33 12.81 -13.45 -3.24
N PRO A 34 12.52 -14.56 -3.93
CA PRO A 34 12.28 -14.49 -5.39
C PRO A 34 10.83 -14.12 -5.71
N PHE A 35 10.45 -12.90 -5.31
CA PHE A 35 9.06 -12.48 -5.48
C PHE A 35 8.83 -11.77 -6.82
N ARG A 36 7.56 -11.64 -7.17
CA ARG A 36 7.12 -10.89 -8.33
C ARG A 36 6.34 -9.68 -7.86
N ALA A 37 6.39 -8.61 -8.65
CA ALA A 37 5.61 -7.43 -8.29
C ALA A 37 4.11 -7.75 -8.18
N GLY A 38 3.49 -7.25 -7.11
CA GLY A 38 2.15 -7.60 -6.73
C GLY A 38 2.07 -8.71 -5.73
N GLY A 39 3.19 -9.41 -5.52
CA GLY A 39 3.30 -10.50 -4.58
C GLY A 39 3.44 -10.05 -3.15
N TYR A 40 3.46 -11.04 -2.26
CA TYR A 40 3.44 -10.75 -0.83
C TYR A 40 4.19 -11.82 -0.07
N ILE A 41 4.47 -11.51 1.18
CA ILE A 41 5.02 -12.50 2.11
C ILE A 41 4.05 -12.66 3.26
N GLN A 42 4.32 -13.64 4.13
CA GLN A 42 3.64 -13.69 5.42
C GLN A 42 4.66 -13.35 6.49
N ILE A 43 4.21 -12.61 7.50
N ILE A 43 4.21 -12.66 7.53
CA ILE A 43 5.00 -12.34 8.71
CA ILE A 43 5.08 -12.35 8.67
C ILE A 43 4.43 -13.19 9.83
C ILE A 43 4.48 -13.04 9.88
N GLU A 44 5.31 -13.66 10.72
N GLU A 44 5.36 -13.56 10.74
CA GLU A 44 4.88 -14.32 11.95
CA GLU A 44 4.92 -14.30 11.93
C GLU A 44 5.25 -13.46 13.15
C GLU A 44 5.29 -13.48 13.16
N CYS A 45 4.47 -13.63 14.21
CA CYS A 45 4.86 -13.00 15.49
C CYS A 45 4.91 -14.03 16.57
N PRO A 46 5.78 -13.83 17.56
CA PRO A 46 5.74 -14.68 18.75
C PRO A 46 4.63 -14.19 19.66
N PRO A 47 4.34 -14.91 20.73
CA PRO A 47 3.50 -14.34 21.79
C PRO A 47 4.14 -13.05 22.30
N HIS A 48 3.30 -12.09 22.65
CA HIS A 48 3.83 -10.78 23.03
C HIS A 48 2.73 -9.95 23.69
N LYS A 49 3.14 -8.83 24.31
CA LYS A 49 2.20 -7.81 24.75
C LYS A 49 2.83 -6.46 24.43
N VAL A 50 2.11 -5.63 23.64
CA VAL A 50 2.69 -4.34 23.25
C VAL A 50 1.73 -3.19 23.55
N ALA A 51 2.30 -2.04 23.89
CA ALA A 51 1.51 -0.86 24.22
C ALA A 51 1.62 0.15 23.07
N TYR A 52 0.49 0.71 22.61
CA TYR A 52 0.55 1.75 21.58
C TYR A 52 1.34 2.95 22.08
N ALA A 53 1.38 3.16 23.40
CA ALA A 53 2.12 4.31 23.92
C ALA A 53 3.60 4.23 23.63
N ASP A 54 4.10 3.03 23.39
CA ASP A 54 5.51 2.85 23.07
C ASP A 54 5.79 2.94 21.59
N PHE A 55 4.79 3.10 20.75
CA PHE A 55 5.05 3.25 19.32
C PHE A 55 5.81 4.55 19.04
N ASP A 56 6.61 4.53 17.99
CA ASP A 56 7.36 5.71 17.55
C ASP A 56 6.52 6.39 16.46
N VAL A 57 5.66 7.33 16.84
CA VAL A 57 4.80 8.08 15.91
C VAL A 57 5.35 9.49 15.76
N PRO A 58 5.72 9.93 14.56
CA PRO A 58 6.37 11.24 14.38
C PRO A 58 5.43 12.35 14.82
N ASP A 59 6.00 13.48 15.22
CA ASP A 59 5.15 14.43 15.91
C ASP A 59 4.03 15.01 15.02
N GLU A 60 4.18 15.05 13.69
CA GLU A 60 3.07 15.67 12.95
C GLU A 60 1.80 14.82 12.99
N TYR A 61 1.90 13.53 13.35
CA TYR A 61 0.71 12.70 13.44
C TYR A 61 0.17 12.57 14.87
N ARG A 62 0.86 13.12 15.87
CA ARG A 62 0.50 12.85 17.27
C ARG A 62 -0.76 13.52 17.70
N SER A 63 -1.07 14.70 17.16
CA SER A 63 -2.29 15.34 17.63
C SER A 63 -3.53 14.54 17.20
N ASP A 64 -3.50 13.90 16.00
CA ASP A 64 -4.61 13.00 15.65
C ASP A 64 -4.60 11.71 16.50
N TRP A 65 -3.42 11.16 16.83
CA TRP A 65 -3.39 9.97 17.70
C TRP A 65 -3.92 10.33 19.09
N ASP A 66 -3.58 11.51 19.58
CA ASP A 66 -4.09 11.98 20.88
C ASP A 66 -5.61 12.20 20.83
N LYS A 67 -6.10 12.83 19.74
CA LYS A 67 -7.53 13.11 19.57
C LYS A 67 -8.37 11.85 19.72
N PHE A 68 -7.94 10.74 19.14
CA PHE A 68 -8.68 9.47 19.21
C PHE A 68 -8.20 8.55 20.35
N ASN A 69 -7.40 9.07 21.29
CA ASN A 69 -6.92 8.29 22.43
C ASN A 69 -6.26 6.99 22.04
N LEU A 70 -5.56 6.99 20.90
CA LEU A 70 -5.02 5.73 20.43
C LEU A 70 -3.83 5.27 21.24
N PHE A 71 -3.10 6.20 21.92
CA PHE A 71 -1.96 5.74 22.68
C PHE A 71 -2.33 4.95 23.94
N ARG A 72 -3.63 4.88 24.28
CA ARG A 72 -4.06 4.03 25.38
C ARG A 72 -4.22 2.56 25.01
N TYR A 73 -4.21 2.20 23.72
CA TYR A 73 -4.47 0.80 23.36
C TYR A 73 -3.30 -0.10 23.73
N VAL A 74 -3.62 -1.35 24.09
CA VAL A 74 -2.64 -2.39 24.37
C VAL A 74 -3.08 -3.63 23.60
N SER A 75 -2.11 -4.40 23.07
CA SER A 75 -2.45 -5.62 22.34
C SER A 75 -1.64 -6.79 22.91
N GLU A 76 -2.31 -7.90 23.21
CA GLU A 76 -1.63 -9.09 23.75
C GLU A 76 -2.04 -10.30 22.95
N VAL A 77 -1.08 -11.16 22.56
CA VAL A 77 -1.43 -12.44 21.93
C VAL A 77 -0.64 -13.53 22.62
N LYS A 78 -1.30 -14.63 22.93
CA LYS A 78 -0.65 -15.69 23.69
C LYS A 78 -0.11 -16.80 22.82
N GLU A 79 -0.39 -16.80 21.53
CA GLU A 79 0.07 -17.83 20.62
C GLU A 79 0.57 -17.16 19.34
N PRO A 80 1.54 -17.74 18.67
CA PRO A 80 2.06 -17.11 17.46
C PRO A 80 0.96 -17.08 16.39
N THR A 81 1.07 -16.12 15.47
CA THR A 81 0.15 -16.09 14.34
C THR A 81 0.86 -15.55 13.10
N LEU A 82 0.14 -15.56 11.97
CA LEU A 82 0.69 -15.22 10.66
C LEU A 82 -0.27 -14.26 9.98
N ARG A 83 0.27 -13.31 9.20
CA ARG A 83 -0.56 -12.48 8.31
C ARG A 83 0.23 -12.12 7.06
N ALA A 84 -0.50 -11.80 5.99
CA ALA A 84 0.10 -11.46 4.71
C ALA A 84 0.28 -9.96 4.52
N TYR A 85 1.42 -9.57 3.94
CA TYR A 85 1.69 -8.17 3.59
C TYR A 85 2.39 -8.11 2.24
N SER A 86 1.94 -7.16 1.39
CA SER A 86 2.43 -7.04 0.01
C SER A 86 3.73 -6.25 -0.11
N MET A 87 4.62 -6.67 -1.01
CA MET A 87 5.88 -5.91 -1.18
C MET A 87 5.62 -4.58 -1.83
N ALA A 88 6.17 -3.53 -1.20
CA ALA A 88 6.20 -2.22 -1.83
C ALA A 88 7.46 -2.01 -2.65
N ASN A 89 8.55 -2.71 -2.35
CA ASN A 89 9.69 -2.67 -3.25
C ASN A 89 9.42 -3.56 -4.46
N TYR A 90 10.13 -3.31 -5.56
CA TYR A 90 10.04 -4.19 -6.72
C TYR A 90 11.27 -5.08 -6.76
N PRO A 91 11.25 -6.12 -7.61
CA PRO A 91 12.24 -7.20 -7.47
C PRO A 91 13.69 -6.79 -7.66
N GLU A 92 14.01 -5.70 -8.38
CA GLU A 92 15.41 -5.27 -8.50
C GLU A 92 15.91 -4.46 -7.32
N GLU A 93 15.04 -4.11 -6.37
CA GLU A 93 15.47 -3.48 -5.12
C GLU A 93 15.87 -4.62 -4.21
N LYS A 94 17.14 -5.02 -4.35
CA LYS A 94 17.66 -6.21 -3.70
C LYS A 94 18.00 -5.94 -2.23
N GLY A 95 18.00 -7.03 -1.49
CA GLY A 95 18.48 -7.06 -0.14
C GLY A 95 17.48 -6.60 0.87
N ILE A 96 16.29 -6.17 0.45
CA ILE A 96 15.27 -5.67 1.38
C ILE A 96 13.90 -6.19 1.00
N ILE A 97 13.02 -6.17 2.01
CA ILE A 97 11.58 -6.41 1.83
C ILE A 97 10.94 -5.20 2.47
N MET A 98 10.19 -4.43 1.69
CA MET A 98 9.65 -3.16 2.22
C MET A 98 8.12 -3.33 2.20
N LEU A 99 7.46 -3.05 3.31
CA LEU A 99 6.01 -3.22 3.50
C LEU A 99 5.37 -1.88 3.82
N ASN A 100 4.06 -1.74 3.49
CA ASN A 100 3.27 -0.60 3.95
C ASN A 100 2.14 -1.19 4.80
N VAL A 101 2.12 -0.86 6.09
CA VAL A 101 1.25 -1.59 7.04
C VAL A 101 0.33 -0.59 7.69
N ARG A 102 -0.98 -0.70 7.40
CA ARG A 102 -1.99 0.09 8.12
C ARG A 102 -2.16 -0.45 9.54
N ILE A 103 -2.28 0.46 10.52
CA ILE A 103 -2.60 0.00 11.88
C ILE A 103 -4.11 -0.28 11.97
N ALA A 104 -4.44 -1.51 12.35
CA ALA A 104 -5.85 -1.95 12.33
C ALA A 104 -6.40 -1.75 13.74
N THR A 105 -6.79 -0.51 14.01
CA THR A 105 -7.40 -0.19 15.29
C THR A 105 -8.81 -0.79 15.37
N PRO A 106 -9.37 -0.86 16.58
CA PRO A 106 -10.76 -1.31 16.73
C PRO A 106 -11.70 -0.41 15.98
N PRO A 107 -12.86 -0.93 15.57
CA PRO A 107 -13.88 -0.11 14.90
C PRO A 107 -14.31 1.05 15.78
N PRO A 108 -14.56 2.22 15.18
CA PRO A 108 -15.07 3.36 15.97
C PRO A 108 -16.30 3.02 16.82
N LYS A 109 -17.21 2.18 16.33
CA LYS A 109 -18.41 1.84 17.10
C LYS A 109 -18.18 0.71 18.12
N ILE A 110 -17.02 0.07 18.10
CA ILE A 110 -16.70 -0.98 19.07
C ILE A 110 -15.29 -0.68 19.57
N PRO A 111 -15.07 0.47 20.23
CA PRO A 111 -13.70 0.91 20.50
C PRO A 111 -12.98 0.07 21.52
N ASP A 112 -13.69 -0.75 22.29
CA ASP A 112 -13.04 -1.60 23.27
C ASP A 112 -12.78 -3.02 22.77
N ALA A 113 -12.98 -3.29 21.47
CA ALA A 113 -12.50 -4.54 20.90
C ALA A 113 -10.97 -4.59 20.98
N PRO A 114 -10.40 -5.78 20.90
CA PRO A 114 -8.93 -5.89 20.78
C PRO A 114 -8.48 -5.20 19.51
N PRO A 115 -7.37 -4.45 19.56
CA PRO A 115 -6.71 -4.00 18.33
C PRO A 115 -6.29 -5.18 17.45
N GLY A 116 -6.01 -4.87 16.19
CA GLY A 116 -5.53 -5.90 15.27
C GLY A 116 -4.20 -6.51 15.75
N ILE A 117 -4.09 -7.84 15.66
CA ILE A 117 -2.91 -8.50 16.25
C ILE A 117 -1.63 -8.15 15.50
N MET A 118 -1.56 -8.47 14.20
CA MET A 118 -0.23 -8.44 13.59
C MET A 118 0.17 -7.00 13.28
N SER A 119 -0.83 -6.18 12.89
CA SER A 119 -0.47 -4.78 12.61
C SER A 119 0.01 -4.08 13.88
N SER A 120 -0.62 -4.36 15.04
CA SER A 120 -0.10 -3.78 16.29
C SER A 120 1.30 -4.27 16.60
N TYR A 121 1.55 -5.57 16.39
CA TYR A 121 2.89 -6.08 16.61
C TYR A 121 3.90 -5.37 15.68
N ILE A 122 3.57 -5.29 14.40
CA ILE A 122 4.48 -4.63 13.44
C ILE A 122 4.76 -3.18 13.85
N TRP A 123 3.74 -2.43 14.28
CA TRP A 123 3.97 -1.02 14.66
C TRP A 123 4.87 -0.90 15.91
N SER A 124 4.99 -1.98 16.70
CA SER A 124 5.87 -2.01 17.88
C SER A 124 7.33 -2.25 17.52
N LEU A 125 7.61 -2.64 16.28
CA LEU A 125 8.98 -3.02 15.94
C LEU A 125 9.88 -1.79 15.83
N LYS A 126 11.15 -1.97 16.21
CA LYS A 126 12.17 -0.93 16.13
C LYS A 126 13.35 -1.43 15.34
N PRO A 127 14.20 -0.53 14.84
CA PRO A 127 15.43 -0.95 14.17
C PRO A 127 16.21 -1.94 15.01
N GLY A 128 16.64 -3.04 14.37
CA GLY A 128 17.40 -4.11 15.00
C GLY A 128 16.57 -5.27 15.52
N ASP A 129 15.25 -5.12 15.61
CA ASP A 129 14.41 -6.27 15.92
C ASP A 129 14.47 -7.29 14.79
N LYS A 130 14.22 -8.56 15.11
CA LYS A 130 14.22 -9.63 14.11
C LYS A 130 12.79 -10.07 13.87
N VAL A 131 12.47 -10.38 12.60
CA VAL A 131 11.14 -10.92 12.27
C VAL A 131 11.31 -12.01 11.23
N THR A 132 10.47 -13.04 11.28
CA THR A 132 10.52 -14.13 10.31
C THR A 132 9.43 -13.94 9.26
N ILE A 133 9.83 -13.98 8.00
CA ILE A 133 8.88 -13.89 6.88
C ILE A 133 8.94 -15.19 6.12
N SER A 134 7.86 -15.45 5.35
CA SER A 134 7.83 -16.70 4.58
C SER A 134 7.15 -16.43 3.25
N GLY A 135 7.45 -17.31 2.29
CA GLY A 135 6.85 -17.28 0.97
C GLY A 135 7.98 -17.26 -0.06
N PRO A 136 7.94 -16.32 -1.01
CA PRO A 136 6.86 -15.35 -1.28
C PRO A 136 5.71 -16.06 -1.96
N PHE A 137 4.61 -15.30 -2.07
CA PHE A 137 3.34 -15.76 -2.67
C PHE A 137 2.86 -14.72 -3.67
N GLY A 138 1.94 -15.10 -4.53
CA GLY A 138 1.34 -14.04 -5.30
C GLY A 138 0.20 -14.45 -6.21
N GLU A 139 -0.71 -13.51 -6.47
CA GLU A 139 -1.68 -13.70 -7.55
C GLU A 139 -2.05 -12.38 -8.22
N PHE A 140 -1.76 -11.23 -7.59
CA PHE A 140 -2.06 -9.90 -8.18
C PHE A 140 -1.00 -9.48 -9.18
N PHE A 141 -0.93 -10.20 -10.31
CA PHE A 141 0.18 -10.02 -11.23
C PHE A 141 -0.22 -9.26 -12.50
N ALA A 142 0.75 -8.52 -13.06
CA ALA A 142 0.47 -7.78 -14.28
C ALA A 142 0.23 -8.73 -15.48
N LYS A 143 -0.78 -8.39 -16.30
CA LYS A 143 -0.97 -9.11 -17.55
C LYS A 143 0.12 -8.69 -18.53
N GLU A 144 0.64 -9.63 -19.32
CA GLU A 144 1.75 -9.30 -20.20
C GLU A 144 1.20 -9.06 -21.61
N THR A 145 0.70 -7.84 -21.82
CA THR A 145 0.12 -7.45 -23.09
C THR A 145 0.69 -6.10 -23.52
N ASP A 146 0.15 -5.52 -24.58
CA ASP A 146 0.47 -4.14 -24.93
C ASP A 146 -0.65 -3.18 -24.56
N ALA A 147 -1.61 -3.62 -23.77
CA ALA A 147 -2.69 -2.74 -23.36
C ALA A 147 -2.22 -1.62 -22.42
N GLU A 148 -2.91 -0.48 -22.53
CA GLU A 148 -2.76 0.60 -21.55
C GLU A 148 -3.15 0.11 -20.16
N MET A 149 -2.40 0.54 -19.15
CA MET A 149 -2.61 0.12 -17.77
C MET A 149 -3.04 1.32 -16.95
N VAL A 150 -4.04 1.13 -16.10
CA VAL A 150 -4.53 2.15 -15.19
C VAL A 150 -4.46 1.54 -13.79
N PHE A 151 -3.61 2.09 -12.93
CA PHE A 151 -3.44 1.66 -11.55
C PHE A 151 -4.21 2.59 -10.62
N ILE A 152 -5.05 2.03 -9.77
CA ILE A 152 -5.81 2.80 -8.79
C ILE A 152 -5.55 2.28 -7.39
N GLY A 153 -5.09 3.20 -6.50
CA GLY A 153 -4.66 2.81 -5.16
C GLY A 153 -5.28 3.67 -4.07
N GLY A 154 -5.33 3.10 -2.86
CA GLY A 154 -5.64 3.87 -1.66
C GLY A 154 -5.01 3.20 -0.46
N GLY A 155 -4.76 4.00 0.58
CA GLY A 155 -4.19 3.47 1.82
C GLY A 155 -2.97 2.60 1.59
N ALA A 156 -2.92 1.48 2.32
CA ALA A 156 -1.72 0.63 2.19
C ALA A 156 -1.67 -0.10 0.86
N GLY A 157 -2.72 0.01 0.04
CA GLY A 157 -2.66 -0.41 -1.35
C GLY A 157 -1.54 0.23 -2.14
N MET A 158 -0.99 1.34 -1.61
CA MET A 158 0.21 1.88 -2.21
C MET A 158 1.29 0.83 -2.43
N ALA A 159 1.42 -0.16 -1.53
CA ALA A 159 2.57 -1.05 -1.67
C ALA A 159 2.58 -1.81 -3.00
N PRO A 160 1.56 -2.60 -3.36
CA PRO A 160 1.62 -3.27 -4.66
C PRO A 160 1.57 -2.32 -5.84
N MET A 161 0.97 -1.13 -5.66
CA MET A 161 0.96 -0.12 -6.72
C MET A 161 2.39 0.29 -7.03
N ARG A 162 3.16 0.61 -5.98
CA ARG A 162 4.56 1.00 -6.20
C ARG A 162 5.35 -0.13 -6.82
N SER A 163 5.17 -1.33 -6.29
CA SER A 163 5.92 -2.49 -6.82
C SER A 163 5.65 -2.68 -8.30
N HIS A 164 4.36 -2.69 -8.68
CA HIS A 164 3.99 -2.88 -10.09
C HIS A 164 4.57 -1.78 -10.96
N ILE A 165 4.46 -0.53 -10.51
CA ILE A 165 4.78 0.58 -11.41
C ILE A 165 6.29 0.64 -11.62
N PHE A 166 7.06 0.51 -10.54
CA PHE A 166 8.49 0.47 -10.70
C PHE A 166 8.91 -0.76 -11.50
N ASP A 167 8.20 -1.89 -11.34
CA ASP A 167 8.58 -3.07 -12.12
C ASP A 167 8.40 -2.82 -13.61
N GLN A 168 7.31 -2.17 -13.98
CA GLN A 168 7.05 -1.91 -15.41
C GLN A 168 8.09 -0.97 -15.98
N LEU A 169 8.35 0.14 -15.29
CA LEU A 169 9.19 1.19 -15.87
C LEU A 169 10.67 0.88 -15.74
N LYS A 170 11.10 0.31 -14.61
CA LYS A 170 12.52 0.12 -14.36
C LYS A 170 13.03 -1.26 -14.74
N ARG A 171 12.25 -2.33 -14.51
CA ARG A 171 12.80 -3.64 -14.91
C ARG A 171 12.41 -3.99 -16.34
N LEU A 172 11.14 -3.84 -16.69
CA LEU A 172 10.64 -4.17 -18.02
C LEU A 172 10.85 -3.06 -19.05
N HIS A 173 11.18 -1.83 -18.64
CA HIS A 173 11.35 -0.69 -19.56
C HIS A 173 10.16 -0.60 -20.50
N SER A 174 8.98 -0.79 -19.92
CA SER A 174 7.73 -0.80 -20.66
C SER A 174 7.50 0.54 -21.37
N THR A 175 7.01 0.44 -22.61
CA THR A 175 6.59 1.59 -23.40
C THR A 175 5.08 1.75 -23.41
N ARG A 176 4.35 0.88 -22.74
CA ARG A 176 2.89 0.95 -22.65
C ARG A 176 2.48 2.26 -21.96
N LYS A 177 1.29 2.76 -22.28
CA LYS A 177 0.77 3.88 -21.51
C LYS A 177 0.35 3.40 -20.13
N ILE A 178 0.81 4.11 -19.07
CA ILE A 178 0.59 3.70 -17.69
C ILE A 178 0.22 4.95 -16.87
N SER A 179 -0.82 4.86 -16.07
CA SER A 179 -1.12 5.98 -15.19
C SER A 179 -1.50 5.43 -13.84
N PHE A 180 -1.30 6.25 -12.80
CA PHE A 180 -1.51 5.81 -11.42
C PHE A 180 -2.33 6.89 -10.75
N TRP A 181 -3.43 6.47 -10.11
CA TRP A 181 -4.43 7.34 -9.52
C TRP A 181 -4.54 6.92 -8.07
N TYR A 182 -4.22 7.82 -7.13
CA TYR A 182 -4.17 7.45 -5.71
C TYR A 182 -5.07 8.38 -4.91
N GLY A 183 -6.00 7.82 -4.15
CA GLY A 183 -6.91 8.63 -3.32
C GLY A 183 -6.43 8.65 -1.87
N ALA A 184 -6.41 9.86 -1.28
CA ALA A 184 -6.02 9.97 0.13
C ALA A 184 -6.87 11.08 0.74
N ARG A 185 -6.84 11.18 2.08
CA ARG A 185 -7.73 12.14 2.72
C ARG A 185 -7.17 13.57 2.69
N SER A 186 -5.88 13.74 2.99
CA SER A 186 -5.28 15.09 2.98
C SER A 186 -3.79 14.94 2.66
N LEU A 187 -3.07 16.08 2.56
CA LEU A 187 -1.72 16.03 2.02
C LEU A 187 -0.77 15.18 2.87
N ARG A 188 -0.93 15.23 4.18
CA ARG A 188 -0.04 14.48 5.07
C ARG A 188 -0.21 12.99 4.92
N GLU A 189 -1.30 12.54 4.27
CA GLU A 189 -1.49 11.12 4.05
C GLU A 189 -0.83 10.65 2.78
N MET A 190 -0.25 11.56 1.98
CA MET A 190 0.38 11.16 0.71
C MET A 190 1.85 10.84 0.93
N PHE A 191 2.35 9.79 0.25
CA PHE A 191 3.76 9.44 0.36
C PHE A 191 4.21 8.80 -0.94
N TYR A 192 5.52 8.78 -1.12
CA TYR A 192 6.20 8.31 -2.34
C TYR A 192 5.91 9.23 -3.52
N ASP A 193 5.31 10.40 -3.28
CA ASP A 193 4.95 11.21 -4.42
C ASP A 193 6.19 11.77 -5.14
N GLU A 194 7.28 12.07 -4.40
CA GLU A 194 8.49 12.53 -5.09
C GLU A 194 9.04 11.47 -6.03
N GLU A 195 8.96 10.19 -5.63
CA GLU A 195 9.40 9.09 -6.50
C GLU A 195 8.55 9.01 -7.76
N PHE A 196 7.23 9.08 -7.60
CA PHE A 196 6.38 8.97 -8.79
C PHE A 196 6.53 10.18 -9.68
N GLU A 197 6.76 11.39 -9.11
CA GLU A 197 6.96 12.56 -9.98
C GLU A 197 8.25 12.42 -10.79
N GLN A 198 9.27 11.82 -10.20
CA GLN A 198 10.50 11.62 -10.93
C GLN A 198 10.31 10.56 -12.01
N LEU A 199 9.57 9.48 -11.69
CA LEU A 199 9.31 8.48 -12.71
C LEU A 199 8.55 9.12 -13.88
N ALA A 200 7.61 10.02 -13.58
CA ALA A 200 6.84 10.66 -14.66
C ALA A 200 7.70 11.62 -15.48
N ARG A 201 8.66 12.28 -14.85
CA ARG A 201 9.59 13.11 -15.64
C ARG A 201 10.44 12.25 -16.57
N ASP A 202 10.87 11.09 -16.11
CA ASP A 202 11.78 10.25 -16.88
C ASP A 202 11.08 9.33 -17.86
N ASN A 203 9.77 9.17 -17.75
CA ASN A 203 9.03 8.22 -18.56
C ASN A 203 7.82 8.93 -19.11
N PRO A 204 7.90 9.40 -20.36
CA PRO A 204 6.78 10.17 -20.92
C PRO A 204 5.50 9.37 -21.00
N ASN A 205 5.56 8.03 -20.99
CA ASN A 205 4.34 7.21 -21.04
C ASN A 205 3.69 7.01 -19.67
N PHE A 206 4.27 7.56 -18.61
CA PHE A 206 3.74 7.41 -17.25
C PHE A 206 3.25 8.74 -16.65
N THR A 207 2.06 8.71 -16.03
CA THR A 207 1.57 9.89 -15.31
C THR A 207 0.99 9.47 -13.99
N PHE A 208 0.95 10.42 -13.04
CA PHE A 208 0.57 10.12 -11.68
C PHE A 208 -0.37 11.21 -11.19
N HIS A 209 -1.47 10.82 -10.53
CA HIS A 209 -2.39 11.82 -10.00
C HIS A 209 -2.92 11.43 -8.64
N VAL A 210 -2.99 12.41 -7.74
CA VAL A 210 -3.48 12.23 -6.39
C VAL A 210 -4.80 12.98 -6.25
N ALA A 211 -5.82 12.35 -5.63
CA ALA A 211 -7.02 13.07 -5.24
C ALA A 211 -7.05 13.13 -3.72
N LEU A 212 -7.34 14.30 -3.17
CA LEU A 212 -7.51 14.49 -1.72
C LEU A 212 -8.99 14.70 -1.41
N SER A 213 -9.55 13.84 -0.58
CA SER A 213 -10.99 13.95 -0.32
C SER A 213 -11.34 15.11 0.62
N ASP A 214 -10.44 15.44 1.55
N ASP A 214 -10.44 15.43 1.54
CA ASP A 214 -10.71 16.48 2.55
CA ASP A 214 -10.67 16.42 2.58
C ASP A 214 -9.42 17.24 2.86
C ASP A 214 -9.39 17.20 2.86
N PRO A 215 -8.84 17.91 1.86
CA PRO A 215 -7.58 18.62 2.10
C PRO A 215 -7.74 19.66 3.21
N LEU A 216 -6.70 19.86 3.96
CA LEU A 216 -6.73 20.90 5.00
C LEU A 216 -6.41 22.24 4.34
N PRO A 217 -6.96 23.37 4.85
CA PRO A 217 -6.50 24.65 4.30
C PRO A 217 -4.97 24.75 4.26
N GLU A 218 -4.30 24.30 5.34
CA GLU A 218 -2.87 24.49 5.37
C GLU A 218 -2.12 23.56 4.44
N ASP A 219 -2.80 22.60 3.82
CA ASP A 219 -2.17 21.83 2.73
C ASP A 219 -1.84 22.71 1.52
N ASN A 220 -2.50 23.87 1.39
CA ASN A 220 -2.31 24.75 0.24
C ASN A 220 -2.48 23.97 -1.08
N TRP A 221 -3.49 23.12 -1.12
CA TRP A 221 -3.65 22.14 -2.22
C TRP A 221 -4.40 22.75 -3.39
N THR A 222 -3.79 22.71 -4.57
CA THR A 222 -4.44 23.15 -5.80
C THR A 222 -4.66 21.99 -6.74
N GLY A 223 -4.44 20.76 -6.28
CA GLY A 223 -4.64 19.57 -7.07
C GLY A 223 -6.11 19.14 -7.08
N HIS A 224 -6.34 17.91 -7.55
CA HIS A 224 -7.69 17.36 -7.60
C HIS A 224 -8.22 17.06 -6.19
N THR A 225 -9.52 17.27 -6.02
CA THR A 225 -10.16 16.96 -4.74
C THR A 225 -11.35 16.03 -4.94
N GLY A 226 -11.77 15.40 -3.86
CA GLY A 226 -12.84 14.43 -3.96
C GLY A 226 -12.30 13.02 -3.98
N PHE A 227 -13.15 12.10 -4.42
CA PHE A 227 -12.86 10.65 -4.42
C PHE A 227 -12.18 10.25 -5.73
N ILE A 228 -11.25 9.28 -5.63
CA ILE A 228 -10.43 8.98 -6.81
C ILE A 228 -11.28 8.41 -7.96
N HIS A 229 -12.38 7.70 -7.68
CA HIS A 229 -13.15 7.16 -8.80
C HIS A 229 -13.74 8.29 -9.63
N ASN A 230 -14.18 9.37 -8.96
CA ASN A 230 -14.70 10.53 -9.68
C ASN A 230 -13.59 11.28 -10.40
N VAL A 231 -12.43 11.42 -9.75
CA VAL A 231 -11.34 12.16 -10.38
C VAL A 231 -10.84 11.40 -11.60
N LEU A 232 -10.72 10.07 -11.49
CA LEU A 232 -10.29 9.29 -12.65
C LEU A 232 -11.28 9.44 -13.81
N TYR A 233 -12.58 9.39 -13.51
CA TYR A 233 -13.57 9.59 -14.58
C TYR A 233 -13.48 11.00 -15.14
N GLU A 234 -13.59 12.01 -14.27
CA GLU A 234 -13.72 13.40 -14.74
C GLU A 234 -12.46 13.87 -15.47
N ASN A 235 -11.29 13.39 -15.06
CA ASN A 235 -10.08 13.95 -15.63
C ASN A 235 -9.45 13.07 -16.68
N TYR A 236 -9.98 11.88 -16.92
CA TYR A 236 -9.30 11.00 -17.88
C TYR A 236 -10.28 10.11 -18.65
N LEU A 237 -11.08 9.28 -17.96
CA LEU A 237 -11.86 8.29 -18.71
C LEU A 237 -13.03 8.92 -19.48
N ARG A 238 -13.53 10.10 -19.07
CA ARG A 238 -14.74 10.64 -19.75
C ARG A 238 -14.53 10.89 -21.23
N ASP A 239 -13.31 11.21 -21.65
CA ASP A 239 -13.10 11.36 -23.09
C ASP A 239 -12.05 10.38 -23.61
N HIS A 240 -11.83 9.30 -22.87
CA HIS A 240 -11.04 8.20 -23.40
C HIS A 240 -11.85 7.49 -24.47
N PRO A 241 -11.29 7.23 -25.64
CA PRO A 241 -12.10 6.62 -26.70
C PRO A 241 -12.49 5.17 -26.43
N ALA A 242 -11.79 4.47 -25.55
CA ALA A 242 -12.04 3.05 -25.36
C ALA A 242 -11.56 2.59 -23.98
N PRO A 243 -12.22 3.03 -22.91
CA PRO A 243 -11.78 2.61 -21.59
C PRO A 243 -11.79 1.09 -21.47
N GLU A 244 -12.67 0.44 -22.25
CA GLU A 244 -12.79 -1.01 -22.14
C GLU A 244 -11.56 -1.74 -22.68
N ASP A 245 -10.67 -1.05 -23.38
CA ASP A 245 -9.44 -1.64 -23.89
C ASP A 245 -8.27 -1.48 -22.92
N CYS A 246 -8.49 -0.83 -21.79
CA CYS A 246 -7.51 -0.63 -20.73
C CYS A 246 -7.54 -1.82 -19.76
N GLU A 247 -6.40 -2.06 -19.10
CA GLU A 247 -6.32 -2.98 -17.97
C GLU A 247 -6.32 -2.15 -16.69
N PHE A 248 -7.21 -2.46 -15.76
CA PHE A 248 -7.35 -1.70 -14.51
C PHE A 248 -6.89 -2.58 -13.35
N TYR A 249 -5.96 -2.05 -12.55
CA TYR A 249 -5.40 -2.73 -11.38
C TYR A 249 -5.76 -1.92 -10.14
N MET A 250 -6.58 -2.50 -9.26
CA MET A 250 -7.22 -1.78 -8.13
C MET A 250 -6.71 -2.34 -6.81
N CYS A 251 -6.23 -1.47 -5.89
CA CYS A 251 -5.99 -1.94 -4.51
C CYS A 251 -6.20 -0.75 -3.56
N GLY A 252 -7.33 -0.71 -2.89
CA GLY A 252 -7.63 0.38 -1.96
C GLY A 252 -8.53 -0.15 -0.85
N PRO A 253 -9.00 0.76 0.00
CA PRO A 253 -10.02 0.35 1.00
C PRO A 253 -11.30 -0.10 0.32
N PRO A 254 -12.12 -0.92 0.99
CA PRO A 254 -13.32 -1.45 0.35
C PRO A 254 -14.25 -0.42 -0.27
N VAL A 255 -14.42 0.74 0.37
CA VAL A 255 -15.34 1.74 -0.17
C VAL A 255 -14.82 2.28 -1.50
N MET A 256 -13.51 2.46 -1.62
CA MET A 256 -12.84 2.78 -2.89
C MET A 256 -13.00 1.69 -3.94
N ASN A 257 -12.65 0.44 -3.60
CA ASN A 257 -12.74 -0.64 -4.58
C ASN A 257 -14.12 -0.67 -5.18
N ALA A 258 -15.14 -0.59 -4.31
CA ALA A 258 -16.52 -0.71 -4.77
C ALA A 258 -16.89 0.44 -5.70
N ALA A 259 -16.52 1.68 -5.33
CA ALA A 259 -16.88 2.85 -6.15
C ALA A 259 -16.13 2.84 -7.48
N VAL A 260 -14.85 2.47 -7.48
CA VAL A 260 -14.11 2.43 -8.74
C VAL A 260 -14.69 1.34 -9.65
N ILE A 261 -14.90 0.14 -9.11
CA ILE A 261 -15.35 -0.94 -9.97
C ILE A 261 -16.75 -0.65 -10.52
N LYS A 262 -17.62 -0.04 -9.70
CA LYS A 262 -18.94 0.31 -10.23
C LYS A 262 -18.83 1.31 -11.38
N MET A 263 -17.94 2.30 -11.23
CA MET A 263 -17.76 3.32 -12.26
C MET A 263 -17.21 2.68 -13.53
N LEU A 264 -16.27 1.73 -13.38
CA LEU A 264 -15.74 1.02 -14.54
C LEU A 264 -16.82 0.20 -15.23
N LYS A 265 -17.61 -0.57 -14.48
CA LYS A 265 -18.65 -1.39 -15.09
C LYS A 265 -19.66 -0.51 -15.83
N ASP A 266 -20.02 0.64 -15.23
CA ASP A 266 -20.91 1.58 -15.89
C ASP A 266 -20.36 2.05 -17.24
N LEU A 267 -19.03 2.08 -17.39
CA LEU A 267 -18.43 2.41 -18.67
C LEU A 267 -18.35 1.22 -19.60
N GLY A 268 -18.78 0.04 -19.19
CA GLY A 268 -18.71 -1.08 -20.10
C GLY A 268 -17.40 -1.86 -20.04
N VAL A 269 -16.59 -1.62 -19.02
CA VAL A 269 -15.38 -2.41 -18.86
C VAL A 269 -15.76 -3.81 -18.41
N GLU A 270 -15.17 -4.82 -19.05
CA GLU A 270 -15.40 -6.21 -18.72
C GLU A 270 -14.62 -6.63 -17.49
N ASP A 271 -15.16 -7.63 -16.76
CA ASP A 271 -14.51 -8.12 -15.54
C ASP A 271 -13.09 -8.58 -15.81
N GLU A 272 -12.86 -9.18 -16.98
CA GLU A 272 -11.53 -9.72 -17.26
C GLU A 272 -10.47 -8.63 -17.33
N ASN A 273 -10.86 -7.36 -17.52
CA ASN A 273 -9.90 -6.26 -17.54
C ASN A 273 -9.83 -5.49 -16.23
N ILE A 274 -10.42 -6.03 -15.17
CA ILE A 274 -10.40 -5.38 -13.85
C ILE A 274 -9.76 -6.37 -12.89
N LEU A 275 -8.58 -6.05 -12.37
CA LEU A 275 -7.94 -6.97 -11.45
C LEU A 275 -7.89 -6.30 -10.09
N LEU A 276 -8.42 -6.97 -9.06
CA LEU A 276 -8.58 -6.38 -7.74
C LEU A 276 -7.73 -7.15 -6.76
N ASP A 277 -6.94 -6.45 -5.93
CA ASP A 277 -6.41 -7.04 -4.69
C ASP A 277 -7.15 -6.42 -3.53
N ASP A 278 -7.97 -7.22 -2.80
CA ASP A 278 -8.80 -6.61 -1.77
C ASP A 278 -8.26 -6.80 -0.34
N PHE A 279 -6.99 -7.13 -0.20
CA PHE A 279 -6.33 -7.32 1.14
C PHE A 279 -7.21 -7.96 2.19
PA FAD B . -6.81 -8.76 13.19
O1A FAD B . -7.00 -9.72 12.04
O2A FAD B . -6.36 -9.31 14.48
O5B FAD B . -8.13 -7.91 13.47
C5B FAD B . -8.80 -7.28 12.36
C4B FAD B . -9.72 -6.19 12.87
O4B FAD B . -10.77 -6.79 13.70
C3B FAD B . -9.03 -5.13 13.74
O3B FAD B . -9.50 -3.84 13.36
C2B FAD B . -9.53 -5.50 15.14
O2B FAD B . -9.53 -4.38 16.06
C1B FAD B . -10.95 -5.97 14.82
N9A FAD B . -11.56 -6.79 15.86
C8A FAD B . -10.98 -7.82 16.56
N7A FAD B . -11.77 -8.36 17.45
C5A FAD B . -12.94 -7.63 17.35
C6A FAD B . -14.16 -7.70 18.04
N6A FAD B . -14.39 -8.56 19.03
N1A FAD B . -15.11 -6.78 17.72
C2A FAD B . -14.87 -5.92 16.74
N3A FAD B . -13.77 -5.78 16.00
C4A FAD B . -12.84 -6.67 16.37
N1 FAD B . -2.49 -5.13 5.11
C2 FAD B . -1.69 -4.03 5.03
O2 FAD B . -1.76 -3.14 5.88
N3 FAD B . -0.73 -3.94 4.03
C4 FAD B . -0.55 -4.88 2.98
O4 FAD B . 0.32 -4.72 2.12
C4X FAD B . -1.42 -6.02 3.07
N5 FAD B . -1.32 -6.96 2.10
C5X FAD B . -2.19 -8.03 2.19
C6 FAD B . -2.07 -9.05 1.22
C7 FAD B . -2.92 -10.15 1.28
C7M FAD B . -2.77 -11.23 0.21
C8 FAD B . -3.82 -10.30 2.34
C8M FAD B . -4.73 -11.52 2.42
C9 FAD B . -3.94 -9.30 3.31
C9A FAD B . -3.08 -8.19 3.26
N10 FAD B . -3.18 -7.15 4.21
C10 FAD B . -2.36 -6.06 4.15
C1' FAD B . -4.05 -7.29 5.40
C2' FAD B . -3.28 -7.97 6.55
O2' FAD B . -2.96 -9.32 6.19
C3' FAD B . -4.09 -8.01 7.84
O3' FAD B . -5.36 -8.60 7.56
C4' FAD B . -4.21 -6.63 8.52
O4' FAD B . -2.90 -6.17 8.88
C5' FAD B . -5.05 -6.70 9.79
O5' FAD B . -4.57 -7.81 10.58
P FAD B . -4.35 -7.71 12.15
O1P FAD B . -3.72 -9.00 12.63
O2P FAD B . -3.64 -6.44 12.47
O3P FAD B . -5.86 -7.58 12.73
C1 F2L C . -14.97 6.60 -1.70
C2 F2L C . -13.51 6.85 -1.42
C3 F2L C . -11.90 7.54 0.29
C4 F2L C . -10.89 6.58 0.29
C5 F2L C . -9.61 6.83 0.74
C6 F2L C . -9.29 8.11 1.15
C7 F2L C . -10.26 9.09 1.17
C8 F2L C . -11.53 8.79 0.73
F1 F2L C . -11.22 5.32 -0.10
F2 F2L C . -12.47 9.76 0.71
N1 F2L C . -13.22 7.29 -0.18
O1 F2L C . -12.63 6.68 -2.29
S DMS D . 7.79 -6.41 20.39
O DMS D . 8.48 -6.25 19.02
C1 DMS D . 8.02 -4.79 21.16
C2 DMS D . 8.89 -7.51 21.33
H11 DMS D . 7.58 -4.80 22.13
H12 DMS D . 7.55 -4.05 20.57
H13 DMS D . 9.05 -4.59 21.24
H21 DMS D . 9.69 -6.95 21.73
H22 DMS D . 9.27 -8.26 20.69
H23 DMS D . 8.34 -7.96 22.12
S DMS E . -9.78 4.06 23.37
O DMS E . -8.53 3.62 24.05
C1 DMS E . -10.53 5.46 24.26
C2 DMS E . -11.04 2.80 23.71
H11 DMS E . -11.44 5.73 23.81
H12 DMS E . -9.86 6.29 24.24
H13 DMS E . -10.70 5.18 25.27
H21 DMS E . -10.70 1.85 23.35
H22 DMS E . -11.94 3.05 23.21
H23 DMS E . -11.21 2.74 24.75
#